data_3ZH4
#
_entry.id   3ZH4
#
_cell.length_a   106.584
_cell.length_b   70.360
_cell.length_c   45.241
_cell.angle_alpha   90.00
_cell.angle_beta   90.00
_cell.angle_gamma   90.00
#
_symmetry.space_group_name_H-M   'P 21 21 2'
#
loop_
_entity.id
_entity.type
_entity.pdbx_description
1 polymer 'UDP-N-ACETYLGLUCOSAMINE 1-CARBOXYVINYLTRANSFERASE'
2 non-polymer 'CITRATE ANION'
3 non-polymer DI(HYDROXYETHYL)ETHER
4 water water
#
_entity_poly.entity_id   1
_entity_poly.type   'polypeptide(L)'
_entity_poly.pdbx_seq_one_letter_code
;MRKIVINGGLPLQGEITISGAKNSVVALIPAIILADDVVTLDCVPDISDVASLVEIMELMGATVKRYDDVLEIDPRGVQN
IPMPYGKINSLRASYYFYGSLLGRFGEATVGLPGGCDLGPRPIDLHLKAFEAMGATASYEGDNMKLSAKDTGLHGASIYM
DTVSVGATINTMIAAVKANGRTIIENAAREPEIIDVATLLNNMGAHIRGAGTNIIIIDGVERLHGTRHQVIPDRIEAGTY
ISLAAAVGKGIRINNVLYEHLEGFIAKLEEMGVRMTVSEDSIFVEEQSNLKAINIKTAPYPGFATDLQQPLTPLLLRANG
RGTIVDTIYEKRVNHVFELAKMDADISTTNGHILYTGGRDLRGTSVKATDLRAGAALVIAGLMAEGKTEITNIEFILRGY
SDIIEKLRNLGADIRLVED
;
_entity_poly.pdbx_strand_id   A
#
# COMPACT_ATOMS: atom_id res chain seq x y z
N MET A 1 -13.29 17.70 12.30
CA MET A 1 -14.66 18.07 11.95
C MET A 1 -15.44 16.89 11.37
N ARG A 2 -14.70 15.91 10.86
CA ARG A 2 -15.32 14.77 10.20
C ARG A 2 -15.21 13.51 11.04
N LYS A 3 -16.30 12.75 11.10
CA LYS A 3 -16.29 11.42 11.70
C LYS A 3 -17.11 10.49 10.84
N ILE A 4 -16.87 9.18 10.97
CA ILE A 4 -17.70 8.18 10.34
C ILE A 4 -18.63 7.60 11.42
N VAL A 5 -19.93 7.54 11.13
CA VAL A 5 -20.88 6.97 12.08
C VAL A 5 -21.45 5.70 11.51
N ILE A 6 -21.38 4.62 12.29
CA ILE A 6 -21.87 3.32 11.85
C ILE A 6 -22.86 2.77 12.86
N ASN A 7 -24.03 2.35 12.38
CA ASN A 7 -24.93 1.56 13.21
C ASN A 7 -24.77 0.11 12.80
N GLY A 8 -24.10 -0.68 13.64
CA GLY A 8 -23.66 -2.01 13.21
C GLY A 8 -24.58 -3.13 13.62
N GLY A 9 -24.13 -4.38 13.42
CA GLY A 9 -24.89 -5.53 13.82
C GLY A 9 -25.88 -5.97 12.77
N LEU A 10 -25.68 -5.50 11.54
CA LEU A 10 -26.60 -5.78 10.44
C LEU A 10 -25.88 -6.46 9.30
N PRO A 11 -26.52 -7.47 8.70
CA PRO A 11 -25.89 -8.22 7.61
C PRO A 11 -25.79 -7.37 6.35
N LEU A 12 -24.65 -7.48 5.67
CA LEU A 12 -24.38 -6.77 4.43
C LEU A 12 -24.50 -7.73 3.25
N GLN A 13 -24.71 -7.19 2.06
CA GLN A 13 -24.99 -8.04 0.90
C GLN A 13 -24.88 -7.24 -0.39
N GLY A 14 -24.44 -7.89 -1.46
CA GLY A 14 -24.36 -7.24 -2.75
C GLY A 14 -23.00 -7.44 -3.39
N GLU A 15 -22.49 -6.40 -4.03
CA GLU A 15 -21.18 -6.50 -4.63
C GLU A 15 -20.40 -5.20 -4.54
N ILE A 16 -19.08 -5.31 -4.65
CA ILE A 16 -18.21 -4.15 -4.48
C ILE A 16 -17.06 -4.33 -5.44
N THR A 17 -16.63 -3.24 -6.07
CA THR A 17 -15.53 -3.28 -7.04
C THR A 17 -14.27 -2.66 -6.48
N ILE A 18 -13.17 -3.41 -6.57
CA ILE A 18 -11.88 -2.94 -6.05
C ILE A 18 -11.23 -1.97 -7.03
N SER A 19 -10.56 -0.94 -6.50
CA SER A 19 -9.92 0.09 -7.31
C SER A 19 -8.45 -0.24 -7.46
N GLY A 20 -7.71 0.63 -8.15
CA GLY A 20 -6.28 0.39 -8.35
C GLY A 20 -5.47 0.47 -7.08
N ALA A 21 -4.34 -0.23 -7.05
CA ALA A 21 -3.57 -0.39 -5.82
C ALA A 21 -2.94 0.91 -5.31
N LYS A 22 -3.23 1.28 -4.06
CA LYS A 22 -2.56 2.43 -3.47
C LYS A 22 -1.07 2.26 -3.61
N ASN A 23 -0.57 1.05 -3.33
CA ASN A 23 0.86 0.88 -3.19
C ASN A 23 1.63 0.70 -4.51
N SER A 24 0.88 0.61 -5.60
CA SER A 24 1.45 0.78 -6.92
C SER A 24 1.45 2.26 -7.33
N VAL A 25 0.28 2.88 -7.30
CA VAL A 25 0.12 4.24 -7.83
C VAL A 25 1.04 5.25 -7.12
N VAL A 26 1.32 5.05 -5.83
CA VAL A 26 2.15 6.03 -5.12
C VAL A 26 3.60 5.95 -5.56
N ALA A 27 3.97 4.88 -6.27
CA ALA A 27 5.29 4.76 -6.89
C ALA A 27 5.23 5.13 -8.37
N LEU A 28 4.13 4.78 -9.02
CA LEU A 28 3.95 5.08 -10.45
C LEU A 28 4.04 6.59 -10.72
N ILE A 29 3.40 7.38 -9.88
CA ILE A 29 3.31 8.81 -10.13
C ILE A 29 4.69 9.47 -10.09
N PRO A 30 5.45 9.28 -9.01
CA PRO A 30 6.76 9.93 -9.04
C PRO A 30 7.71 9.33 -10.11
N ALA A 31 7.52 8.07 -10.47
CA ALA A 31 8.39 7.46 -11.49
C ALA A 31 8.22 8.15 -12.83
N ILE A 32 7.04 8.71 -13.06
CA ILE A 32 6.72 9.40 -14.31
C ILE A 32 7.60 10.62 -14.58
N ILE A 33 8.25 11.16 -13.53
CA ILE A 33 9.23 12.22 -13.70
C ILE A 33 10.29 11.84 -14.73
N LEU A 34 10.52 10.53 -14.89
CA LEU A 34 11.57 10.05 -15.78
C LEU A 34 11.24 10.18 -17.26
N ALA A 35 9.95 10.33 -17.56
CA ALA A 35 9.44 10.28 -18.93
C ALA A 35 9.63 11.56 -19.75
N ASP A 36 9.81 11.41 -21.06
CA ASP A 36 9.98 12.52 -22.01
C ASP A 36 8.66 13.05 -22.52
N ASP A 37 7.57 12.38 -22.15
CA ASP A 37 6.26 12.72 -22.71
C ASP A 37 5.16 12.32 -21.72
N VAL A 38 3.91 12.61 -22.08
CA VAL A 38 2.78 12.34 -21.19
C VAL A 38 2.67 10.86 -20.85
N VAL A 39 2.39 10.56 -19.58
CA VAL A 39 2.05 9.21 -19.16
C VAL A 39 0.66 9.25 -18.55
N THR A 40 -0.20 8.32 -18.96
CA THR A 40 -1.57 8.27 -18.47
C THR A 40 -1.76 7.00 -17.66
N LEU A 41 -2.40 7.15 -16.51
CA LEU A 41 -2.69 6.03 -15.62
C LEU A 41 -4.20 5.82 -15.58
N ASP A 42 -4.64 4.57 -15.64
CA ASP A 42 -6.06 4.22 -15.53
C ASP A 42 -6.28 3.39 -14.26
N CYS A 43 -7.51 3.38 -13.76
CA CYS A 43 -7.83 2.72 -12.49
C CYS A 43 -7.08 3.37 -11.34
N VAL A 44 -6.93 4.69 -11.41
CA VAL A 44 -6.31 5.44 -10.32
C VAL A 44 -7.34 5.55 -9.18
N PRO A 45 -6.97 5.11 -7.98
CA PRO A 45 -7.91 5.16 -6.85
C PRO A 45 -8.12 6.58 -6.34
N ASP A 46 -9.34 6.90 -5.93
CA ASP A 46 -9.59 8.24 -5.42
C ASP A 46 -9.28 8.29 -3.93
N ILE A 47 -7.97 8.33 -3.63
CA ILE A 47 -7.49 8.32 -2.26
C ILE A 47 -6.64 9.57 -2.00
N SER A 48 -6.52 9.96 -0.74
CA SER A 48 -5.85 11.24 -0.43
C SER A 48 -4.37 11.23 -0.82
N ASP A 49 -3.73 10.06 -0.76
CA ASP A 49 -2.31 9.98 -1.11
C ASP A 49 -2.07 10.36 -2.58
N VAL A 50 -3.02 9.99 -3.45
CA VAL A 50 -2.93 10.35 -4.85
C VAL A 50 -3.08 11.86 -5.03
N ALA A 51 -4.04 12.47 -4.35
CA ALA A 51 -4.24 13.91 -4.46
C ALA A 51 -3.00 14.68 -4.03
N SER A 52 -2.39 14.23 -2.94
CA SER A 52 -1.18 14.88 -2.41
C SER A 52 -0.04 14.73 -3.40
N LEU A 53 0.06 13.56 -4.03
CA LEU A 53 1.13 13.35 -5.00
C LEU A 53 0.94 14.21 -6.23
N VAL A 54 -0.31 14.32 -6.68
CA VAL A 54 -0.64 15.22 -7.79
C VAL A 54 -0.24 16.66 -7.48
N GLU A 55 -0.54 17.13 -6.28
CA GLU A 55 -0.15 18.48 -5.87
C GLU A 55 1.36 18.70 -5.95
N ILE A 56 2.13 17.74 -5.42
CA ILE A 56 3.58 17.83 -5.46
C ILE A 56 4.09 17.86 -6.91
N MET A 57 3.56 16.99 -7.74
CA MET A 57 3.98 16.94 -9.14
C MET A 57 3.75 18.30 -9.82
N GLU A 58 2.60 18.90 -9.54
CA GLU A 58 2.28 20.21 -10.14
C GLU A 58 3.25 21.29 -9.66
N LEU A 59 3.51 21.31 -8.36
CA LEU A 59 4.43 22.28 -7.78
C LEU A 59 5.83 22.09 -8.37
N MET A 60 6.16 20.87 -8.78
CA MET A 60 7.47 20.62 -9.37
C MET A 60 7.48 20.97 -10.85
N GLY A 61 6.33 21.33 -11.39
CA GLY A 61 6.27 21.79 -12.77
C GLY A 61 5.54 20.87 -13.74
N ALA A 62 5.06 19.73 -13.26
CA ALA A 62 4.27 18.85 -14.11
C ALA A 62 2.90 19.48 -14.31
N THR A 63 2.19 19.06 -15.35
CA THR A 63 0.80 19.44 -15.53
C THR A 63 0.04 18.13 -15.39
N VAL A 64 -1.10 18.15 -14.71
CA VAL A 64 -1.87 16.93 -14.50
C VAL A 64 -3.33 17.16 -14.85
N LYS A 65 -3.90 16.26 -15.64
CA LYS A 65 -5.32 16.32 -15.96
C LYS A 65 -5.99 15.14 -15.29
N ARG A 66 -7.12 15.38 -14.64
CA ARG A 66 -7.75 14.32 -13.88
C ARG A 66 -9.25 14.26 -14.14
N TYR A 67 -9.76 13.05 -14.30
CA TYR A 67 -11.18 12.83 -14.51
C TYR A 67 -11.47 11.36 -14.28
N ASP A 68 -12.65 11.05 -13.76
CA ASP A 68 -12.98 9.66 -13.46
C ASP A 68 -11.81 8.98 -12.75
N ASP A 69 -11.36 7.85 -13.30
CA ASP A 69 -10.30 7.03 -12.73
C ASP A 69 -8.97 7.27 -13.42
N VAL A 70 -8.84 8.41 -14.10
CA VAL A 70 -7.69 8.67 -14.97
C VAL A 70 -6.81 9.83 -14.48
N LEU A 71 -5.51 9.67 -14.63
CA LEU A 71 -4.55 10.76 -14.44
C LEU A 71 -3.72 10.86 -15.70
N GLU A 72 -3.73 12.03 -16.33
CA GLU A 72 -2.79 12.28 -17.43
C GLU A 72 -1.70 13.19 -16.90
N ILE A 73 -0.48 12.66 -16.82
CA ILE A 73 0.63 13.42 -16.26
C ILE A 73 1.69 13.74 -17.31
N ASP A 74 1.94 15.04 -17.50
CA ASP A 74 2.96 15.52 -18.43
C ASP A 74 4.13 16.06 -17.63
N PRO A 75 5.22 15.28 -17.50
CA PRO A 75 6.34 15.65 -16.64
C PRO A 75 7.38 16.52 -17.34
N ARG A 76 7.13 16.89 -18.59
CA ARG A 76 8.13 17.64 -19.35
C ARG A 76 8.57 18.94 -18.67
N GLY A 77 7.63 19.63 -18.04
CA GLY A 77 7.95 20.90 -17.41
C GLY A 77 8.56 20.78 -16.02
N VAL A 78 8.77 19.55 -15.56
CA VAL A 78 9.28 19.32 -14.20
C VAL A 78 10.64 19.97 -14.03
N GLN A 79 10.84 20.67 -12.91
CA GLN A 79 12.04 21.46 -12.70
C GLN A 79 13.00 20.83 -11.67
N ASN A 80 14.30 21.07 -11.86
CA ASN A 80 15.30 20.64 -10.89
C ASN A 80 15.40 21.66 -9.75
N ILE A 81 14.57 21.47 -8.74
CA ILE A 81 14.46 22.39 -7.61
C ILE A 81 14.32 21.57 -6.36
N PRO A 82 14.73 22.12 -5.20
CA PRO A 82 14.50 21.39 -3.95
C PRO A 82 13.03 21.05 -3.79
N MET A 83 12.75 19.93 -3.12
CA MET A 83 11.38 19.58 -2.79
C MET A 83 10.90 20.42 -1.61
N PRO A 84 9.74 21.08 -1.79
CA PRO A 84 9.15 22.04 -0.85
C PRO A 84 8.25 21.35 0.17
N ILE A 88 3.69 16.21 1.77
CA ILE A 88 4.73 15.32 1.23
C ILE A 88 5.23 14.34 2.23
N ASN A 89 6.20 14.84 2.95
CA ASN A 89 7.07 14.07 3.80
C ASN A 89 6.30 13.26 4.79
N SER A 90 5.05 13.58 5.01
CA SER A 90 4.36 12.70 5.93
C SER A 90 4.02 11.37 5.32
N LEU A 91 4.34 11.18 4.07
CA LEU A 91 3.99 10.01 3.27
C LEU A 91 5.17 9.25 2.84
N ARG A 92 5.21 7.99 3.22
CA ARG A 92 6.30 7.07 2.88
C ARG A 92 6.65 7.16 1.39
N ALA A 93 5.65 7.43 0.58
CA ALA A 93 5.82 7.45 -0.88
C ALA A 93 6.68 8.62 -1.34
N SER A 94 6.89 9.61 -0.46
CA SER A 94 7.69 10.77 -0.86
C SER A 94 9.11 10.35 -1.24
N TYR A 95 9.57 9.24 -0.67
CA TYR A 95 10.91 8.72 -0.96
C TYR A 95 11.14 8.46 -2.44
N TYR A 96 10.09 8.08 -3.15
CA TYR A 96 10.24 7.65 -4.54
C TYR A 96 10.66 8.80 -5.45
N PHE A 97 10.46 10.04 -5.01
CA PHE A 97 11.03 11.16 -5.74
C PHE A 97 12.56 11.13 -5.71
N TYR A 98 13.15 10.50 -4.70
CA TYR A 98 14.61 10.45 -4.66
C TYR A 98 15.10 9.72 -5.90
N GLY A 99 14.54 8.54 -6.15
CA GLY A 99 14.93 7.71 -7.28
C GLY A 99 14.65 8.35 -8.63
N SER A 100 13.48 8.96 -8.78
CA SER A 100 13.14 9.57 -10.07
C SER A 100 13.93 10.86 -10.34
N LEU A 101 14.14 11.66 -9.30
CA LEU A 101 14.91 12.88 -9.48
C LEU A 101 16.40 12.58 -9.72
N LEU A 102 16.92 11.57 -9.02
CA LEU A 102 18.29 11.13 -9.28
C LEU A 102 18.43 10.63 -10.72
N GLY A 103 17.47 9.81 -11.16
CA GLY A 103 17.47 9.28 -12.51
C GLY A 103 17.37 10.36 -13.57
N ARG A 104 16.55 11.37 -13.32
CA ARG A 104 16.33 12.42 -14.32
C ARG A 104 17.39 13.53 -14.30
N PHE A 105 17.75 14.00 -13.10
CA PHE A 105 18.66 15.13 -12.98
C PHE A 105 20.05 14.78 -12.43
N GLY A 106 20.20 13.59 -11.86
CA GLY A 106 21.49 13.20 -11.30
C GLY A 106 21.72 13.78 -9.91
N GLU A 107 20.67 14.36 -9.33
CA GLU A 107 20.75 14.90 -7.98
C GLU A 107 19.36 15.13 -7.42
N ALA A 108 19.27 15.09 -6.09
CA ALA A 108 17.99 15.30 -5.41
C ALA A 108 18.28 16.04 -4.11
N THR A 109 17.58 17.15 -3.92
CA THR A 109 17.69 17.92 -2.70
C THR A 109 16.38 17.74 -1.97
N VAL A 110 16.43 17.08 -0.83
CA VAL A 110 15.22 16.54 -0.23
C VAL A 110 15.07 16.83 1.25
N GLY A 111 13.83 17.01 1.67
CA GLY A 111 13.54 17.22 3.08
C GLY A 111 14.14 16.13 3.95
N LEU A 112 14.74 16.53 5.06
CA LEU A 112 15.22 15.59 6.05
C LEU A 112 14.11 14.58 6.39
N ASP A 117 14.74 8.15 13.73
CA ASP A 117 15.17 7.82 15.09
C ASP A 117 16.67 7.53 15.13
N LEU A 118 17.14 6.98 16.26
CA LEU A 118 18.56 6.85 16.55
C LEU A 118 19.22 5.55 16.06
N GLY A 119 18.44 4.69 15.44
CA GLY A 119 18.99 3.47 14.88
C GLY A 119 18.65 3.40 13.41
N PRO A 120 18.75 2.19 12.84
CA PRO A 120 18.30 1.94 11.47
C PRO A 120 16.97 2.61 11.18
N ARG A 121 16.88 3.29 10.04
CA ARG A 121 15.61 3.78 9.52
C ARG A 121 15.48 3.22 8.11
N PRO A 122 14.24 2.87 7.71
CA PRO A 122 14.02 2.24 6.40
C PRO A 122 14.75 2.98 5.28
N ILE A 123 14.76 4.31 5.33
CA ILE A 123 15.42 5.10 4.28
C ILE A 123 16.92 4.77 4.12
N ASP A 124 17.57 4.37 5.20
CA ASP A 124 19.00 4.02 5.15
C ASP A 124 19.28 2.97 4.07
N LEU A 125 18.35 2.05 3.89
CA LEU A 125 18.46 1.04 2.84
C LEU A 125 18.44 1.68 1.44
N HIS A 126 17.58 2.69 1.25
CA HIS A 126 17.55 3.38 -0.05
C HIS A 126 18.87 4.09 -0.28
N LEU A 127 19.31 4.86 0.72
CA LEU A 127 20.51 5.67 0.55
C LEU A 127 21.74 4.79 0.30
N LYS A 128 21.75 3.61 0.91
CA LYS A 128 22.89 2.71 0.76
C LYS A 128 22.93 2.20 -0.67
N ALA A 129 21.76 1.94 -1.23
CA ALA A 129 21.65 1.50 -2.61
C ALA A 129 22.09 2.62 -3.55
N PHE A 130 21.62 3.84 -3.29
CA PHE A 130 21.98 4.99 -4.11
C PHE A 130 23.49 5.23 -4.06
N GLU A 131 24.08 5.09 -2.88
CA GLU A 131 25.52 5.29 -2.73
C GLU A 131 26.31 4.33 -3.63
N ALA A 132 25.82 3.10 -3.72
CA ALA A 132 26.48 2.09 -4.54
C ALA A 132 26.34 2.40 -6.03
N MET A 133 25.39 3.25 -6.37
CA MET A 133 25.17 3.66 -7.76
C MET A 133 25.86 5.00 -8.02
N GLY A 134 26.64 5.47 -7.05
CA GLY A 134 27.46 6.65 -7.25
C GLY A 134 26.86 7.95 -6.73
N ALA A 135 25.70 7.85 -6.09
CA ALA A 135 25.05 9.03 -5.52
C ALA A 135 25.29 9.12 -4.02
N THR A 136 26.14 10.06 -3.61
CA THR A 136 26.44 10.24 -2.20
C THR A 136 25.49 11.25 -1.57
N ALA A 137 25.34 11.18 -0.25
CA ALA A 137 24.44 12.06 0.47
C ALA A 137 25.20 13.23 1.11
N SER A 138 24.45 14.22 1.57
CA SER A 138 25.03 15.36 2.26
C SER A 138 23.96 16.08 3.05
N TYR A 139 24.38 16.75 4.12
CA TYR A 139 23.50 17.57 4.93
C TYR A 139 24.09 18.96 4.86
N GLU A 140 23.77 19.66 3.77
CA GLU A 140 24.39 20.94 3.46
C GLU A 140 23.83 22.10 4.28
N GLY A 141 22.75 21.84 5.02
CA GLY A 141 22.16 22.86 5.86
C GLY A 141 20.66 22.68 5.99
N ASP A 142 20.26 21.90 6.99
CA ASP A 142 18.84 21.63 7.25
C ASP A 142 18.26 20.56 6.32
N ASN A 143 18.82 20.46 5.12
CA ASN A 143 18.33 19.48 4.16
C ASN A 143 19.38 18.47 3.68
N MET A 144 18.89 17.36 3.13
CA MET A 144 19.75 16.29 2.63
C MET A 144 19.91 16.40 1.11
N LYS A 145 21.13 16.17 0.63
CA LYS A 145 21.46 16.32 -0.77
C LYS A 145 22.05 15.03 -1.30
N LEU A 146 21.44 14.47 -2.35
CA LEU A 146 22.02 13.33 -3.06
C LEU A 146 22.53 13.82 -4.41
N SER A 147 23.76 13.46 -4.77
CA SER A 147 24.35 13.89 -6.03
C SER A 147 25.20 12.77 -6.64
N ALA A 148 24.90 12.42 -7.89
CA ALA A 148 25.64 11.37 -8.60
C ALA A 148 26.98 11.87 -9.12
N LYS A 149 27.94 10.95 -9.23
CA LYS A 149 29.35 11.31 -9.45
C LYS A 149 29.87 11.01 -10.86
N ASP A 150 31.03 11.57 -11.16
CA ASP A 150 31.72 11.35 -12.45
C ASP A 150 30.80 11.41 -13.67
N THR A 151 30.93 10.41 -14.54
CA THR A 151 30.08 10.35 -15.72
C THR A 151 28.60 10.24 -15.34
N GLY A 152 28.34 10.01 -14.06
CA GLY A 152 26.98 10.05 -13.53
C GLY A 152 26.50 8.80 -12.80
N LEU A 153 25.20 8.78 -12.51
CA LEU A 153 24.55 7.61 -11.90
C LEU A 153 24.89 6.33 -12.67
N HIS A 154 25.33 5.29 -11.97
CA HIS A 154 25.80 4.06 -12.64
C HIS A 154 25.24 2.79 -11.99
N GLY A 155 25.42 1.66 -12.67
CA GLY A 155 24.88 0.40 -12.19
C GLY A 155 25.76 -0.20 -11.10
N ALA A 156 25.24 -1.20 -10.40
CA ALA A 156 25.98 -1.86 -9.34
C ALA A 156 25.27 -3.13 -8.99
N SER A 157 25.97 -4.02 -8.31
CA SER A 157 25.35 -5.21 -7.76
C SER A 157 25.03 -4.88 -6.30
N ILE A 158 23.74 -4.86 -5.97
CA ILE A 158 23.32 -4.42 -4.65
C ILE A 158 22.58 -5.51 -3.88
N TYR A 159 23.22 -6.05 -2.84
CA TYR A 159 22.53 -7.00 -1.97
C TYR A 159 21.80 -6.28 -0.84
N MET A 160 20.47 -6.36 -0.84
CA MET A 160 19.66 -5.74 0.20
C MET A 160 19.77 -6.54 1.49
N ASP A 161 20.33 -5.93 2.53
CA ASP A 161 20.59 -6.64 3.78
C ASP A 161 19.32 -7.22 4.36
N THR A 162 18.22 -6.49 4.22
CA THR A 162 16.90 -6.97 4.61
C THR A 162 15.94 -6.71 3.46
N VAL A 163 14.86 -7.47 3.39
CA VAL A 163 13.92 -7.28 2.30
C VAL A 163 13.14 -5.98 2.52
N SER A 164 13.11 -5.14 1.49
CA SER A 164 12.46 -3.83 1.60
C SER A 164 11.73 -3.47 0.31
N VAL A 165 10.42 -3.30 0.40
CA VAL A 165 9.63 -2.92 -0.76
C VAL A 165 10.08 -1.54 -1.27
N GLY A 166 10.13 -0.57 -0.36
CA GLY A 166 10.53 0.79 -0.70
C GLY A 166 11.91 0.90 -1.35
N ALA A 167 12.90 0.23 -0.77
CA ALA A 167 14.26 0.30 -1.31
C ALA A 167 14.37 -0.43 -2.63
N THR A 168 13.62 -1.52 -2.80
CA THR A 168 13.63 -2.24 -4.07
C THR A 168 13.05 -1.36 -5.18
N ILE A 169 11.88 -0.77 -4.93
CA ILE A 169 11.28 0.13 -5.90
C ILE A 169 12.14 1.36 -6.18
N ASN A 170 12.67 1.99 -5.13
CA ASN A 170 13.44 3.21 -5.33
C ASN A 170 14.73 2.95 -6.11
N THR A 171 15.35 1.81 -5.82
CA THR A 171 16.57 1.42 -6.55
C THR A 171 16.26 1.16 -8.02
N MET A 172 15.13 0.50 -8.26
CA MET A 172 14.73 0.17 -9.63
C MET A 172 14.42 1.43 -10.45
N ILE A 173 13.65 2.36 -9.87
CA ILE A 173 13.40 3.64 -10.52
C ILE A 173 14.73 4.36 -10.83
N ALA A 174 15.63 4.40 -9.85
CA ALA A 174 16.92 5.08 -10.08
C ALA A 174 17.75 4.41 -11.17
N ALA A 175 17.59 3.10 -11.31
CA ALA A 175 18.43 2.32 -12.21
C ALA A 175 18.05 2.47 -13.68
N VAL A 176 16.79 2.81 -13.96
N VAL A 176 16.79 2.83 -13.91
CA VAL A 176 16.33 2.72 -15.35
CA VAL A 176 16.20 2.84 -15.25
C VAL A 176 17.02 3.66 -16.32
C VAL A 176 16.95 3.69 -16.28
N LYS A 177 17.51 4.81 -15.83
CA LYS A 177 18.29 5.72 -16.68
C LYS A 177 19.75 5.80 -16.22
N ALA A 178 20.16 4.89 -15.34
CA ALA A 178 21.56 4.87 -14.91
C ALA A 178 22.47 4.37 -16.03
N ASN A 179 23.77 4.58 -15.89
N ASN A 179 23.77 4.58 -15.89
CA ASN A 179 24.71 4.05 -16.86
CA ASN A 179 24.74 4.07 -16.84
C ASN A 179 25.20 2.67 -16.44
C ASN A 179 25.19 2.67 -16.44
N GLY A 180 24.74 1.66 -17.17
CA GLY A 180 25.14 0.29 -16.90
C GLY A 180 24.03 -0.52 -16.27
N ARG A 181 24.39 -1.69 -15.77
CA ARG A 181 23.39 -2.63 -15.24
C ARG A 181 23.35 -2.61 -13.71
N THR A 182 22.14 -2.49 -13.17
CA THR A 182 21.92 -2.62 -11.74
C THR A 182 21.30 -3.97 -11.47
N ILE A 183 21.86 -4.67 -10.49
CA ILE A 183 21.34 -5.97 -10.08
C ILE A 183 20.89 -5.87 -8.63
N ILE A 184 19.59 -6.00 -8.38
CA ILE A 184 19.11 -5.94 -7.02
C ILE A 184 18.92 -7.36 -6.49
N GLU A 185 19.74 -7.75 -5.51
CA GLU A 185 19.69 -9.09 -4.91
C GLU A 185 18.92 -9.05 -3.61
N ASN A 186 18.22 -10.14 -3.29
CA ASN A 186 17.33 -10.16 -2.14
C ASN A 186 16.27 -9.08 -2.31
N ALA A 187 15.80 -8.93 -3.55
CA ALA A 187 14.75 -7.97 -3.88
C ALA A 187 13.42 -8.34 -3.25
N ALA A 188 12.62 -7.34 -2.90
CA ALA A 188 11.25 -7.62 -2.49
C ALA A 188 10.46 -8.10 -3.71
N ARG A 189 9.46 -8.95 -3.47
CA ARG A 189 8.72 -9.60 -4.57
C ARG A 189 7.28 -9.11 -4.75
N GLU A 190 6.87 -8.14 -3.92
CA GLU A 190 5.48 -7.66 -3.93
C GLU A 190 5.01 -7.40 -5.36
N PRO A 191 3.73 -7.69 -5.66
CA PRO A 191 3.26 -7.47 -7.04
C PRO A 191 3.24 -6.00 -7.47
N GLU A 192 3.24 -5.06 -6.54
CA GLU A 192 3.33 -3.65 -6.91
C GLU A 192 4.67 -3.37 -7.58
N ILE A 193 5.70 -4.10 -7.17
CA ILE A 193 7.01 -3.95 -7.78
C ILE A 193 6.96 -4.39 -9.25
N ILE A 194 6.24 -5.47 -9.53
CA ILE A 194 6.04 -5.88 -10.90
C ILE A 194 5.31 -4.80 -11.70
N ASP A 195 4.31 -4.20 -11.08
CA ASP A 195 3.51 -3.19 -11.77
C ASP A 195 4.37 -1.98 -12.13
N VAL A 196 5.20 -1.54 -11.18
CA VAL A 196 6.09 -0.41 -11.46
C VAL A 196 7.06 -0.79 -12.58
N ALA A 197 7.60 -2.01 -12.54
CA ALA A 197 8.52 -2.43 -13.60
C ALA A 197 7.80 -2.50 -14.94
N THR A 198 6.53 -2.90 -14.93
CA THR A 198 5.74 -3.02 -16.15
C THR A 198 5.51 -1.65 -16.77
N LEU A 199 5.18 -0.66 -15.94
CA LEU A 199 5.02 0.71 -16.43
C LEU A 199 6.32 1.12 -17.08
N LEU A 200 7.41 1.00 -16.33
CA LEU A 200 8.70 1.50 -16.80
C LEU A 200 9.15 0.81 -18.09
N ASN A 201 8.98 -0.51 -18.16
CA ASN A 201 9.31 -1.23 -19.40
C ASN A 201 8.51 -0.73 -20.59
N ASN A 202 7.23 -0.42 -20.38
CA ASN A 202 6.43 0.07 -21.49
C ASN A 202 6.76 1.53 -21.83
N MET A 203 7.50 2.18 -20.93
CA MET A 203 8.05 3.52 -21.20
C MET A 203 9.41 3.42 -21.88
N GLY A 204 9.95 2.21 -21.97
CA GLY A 204 11.19 1.99 -22.70
C GLY A 204 12.37 1.52 -21.86
N ALA A 205 12.09 1.17 -20.60
CA ALA A 205 13.13 0.66 -19.72
C ALA A 205 13.42 -0.79 -20.04
N HIS A 206 14.45 -1.34 -19.42
CA HIS A 206 14.77 -2.76 -19.58
C HIS A 206 14.95 -3.41 -18.22
N ILE A 207 13.85 -3.84 -17.61
CA ILE A 207 13.87 -4.44 -16.29
C ILE A 207 13.43 -5.89 -16.38
N ARG A 208 14.26 -6.79 -15.85
CA ARG A 208 13.97 -8.22 -15.90
C ARG A 208 14.04 -8.82 -14.51
N GLY A 209 13.13 -9.75 -14.23
CA GLY A 209 13.15 -10.48 -12.98
C GLY A 209 12.27 -9.89 -11.89
N ALA A 210 11.54 -8.84 -12.21
CA ALA A 210 10.65 -8.24 -11.22
C ALA A 210 9.68 -9.30 -10.73
N GLY A 211 9.44 -9.31 -9.43
CA GLY A 211 8.65 -10.38 -8.85
C GLY A 211 9.49 -11.53 -8.34
N THR A 212 10.78 -11.54 -8.66
CA THR A 212 11.68 -12.57 -8.13
C THR A 212 12.71 -11.96 -7.18
N ASN A 213 13.58 -12.77 -6.62
N ASN A 213 13.58 -12.80 -6.66
CA ASN A 213 14.55 -12.24 -5.65
CA ASN A 213 14.62 -12.42 -5.70
C ASN A 213 15.71 -11.50 -6.30
C ASN A 213 15.67 -11.51 -6.31
N ILE A 214 15.85 -11.60 -7.62
CA ILE A 214 16.88 -10.84 -8.34
C ILE A 214 16.24 -10.03 -9.46
N ILE A 215 16.46 -8.71 -9.45
CA ILE A 215 15.95 -7.84 -10.50
C ILE A 215 17.15 -7.29 -11.24
N ILE A 216 17.13 -7.38 -12.58
CA ILE A 216 18.20 -6.82 -13.40
C ILE A 216 17.66 -5.62 -14.17
N ILE A 217 18.39 -4.50 -14.15
CA ILE A 217 17.98 -3.33 -14.91
C ILE A 217 19.16 -2.88 -15.75
N ASP A 218 18.93 -2.77 -17.06
CA ASP A 218 19.93 -2.19 -17.95
C ASP A 218 19.52 -0.75 -18.25
N GLY A 219 20.33 0.20 -17.81
CA GLY A 219 20.03 1.62 -17.97
C GLY A 219 19.86 2.02 -19.42
N VAL A 220 18.84 2.83 -19.70
CA VAL A 220 18.60 3.33 -21.06
C VAL A 220 18.74 4.86 -21.13
N GLU A 221 18.87 5.38 -22.34
CA GLU A 221 19.10 6.80 -22.56
C GLU A 221 17.85 7.64 -22.28
N ARG A 222 16.71 7.16 -22.73
CA ARG A 222 15.50 7.95 -22.54
C ARG A 222 14.25 7.10 -22.39
N LEU A 223 13.25 7.66 -21.70
CA LEU A 223 11.98 7.00 -21.51
C LEU A 223 10.91 7.84 -22.19
N HIS A 224 9.91 7.18 -22.77
CA HIS A 224 8.84 7.88 -23.47
C HIS A 224 7.52 7.71 -22.70
N GLY A 225 6.40 8.06 -23.32
CA GLY A 225 5.13 7.94 -22.63
C GLY A 225 4.47 6.59 -22.84
N THR A 226 3.35 6.37 -22.17
CA THR A 226 2.55 5.17 -22.35
C THR A 226 1.24 5.41 -21.61
N ARG A 227 0.34 4.43 -21.66
CA ARG A 227 -0.90 4.50 -20.90
C ARG A 227 -1.04 3.17 -20.20
N HIS A 228 -1.25 3.19 -18.88
CA HIS A 228 -1.04 2.00 -18.07
C HIS A 228 -2.15 1.84 -17.06
N GLN A 229 -2.67 0.61 -16.95
CA GLN A 229 -3.72 0.31 -15.98
C GLN A 229 -3.09 -0.15 -14.67
N VAL A 230 -3.38 0.56 -13.57
CA VAL A 230 -2.87 0.16 -12.26
C VAL A 230 -3.46 -1.19 -11.84
N ILE A 231 -2.63 -2.09 -11.29
CA ILE A 231 -3.16 -3.37 -10.81
C ILE A 231 -4.17 -3.15 -9.69
N PRO A 232 -5.13 -4.07 -9.54
CA PRO A 232 -6.10 -3.98 -8.44
C PRO A 232 -5.39 -3.96 -7.09
N ASP A 233 -6.01 -3.29 -6.12
CA ASP A 233 -5.49 -3.17 -4.76
C ASP A 233 -5.76 -4.45 -3.96
N ARG A 234 -4.75 -5.28 -3.77
CA ARG A 234 -4.94 -6.55 -3.08
C ARG A 234 -5.25 -6.34 -1.60
N ILE A 235 -4.80 -5.22 -1.05
CA ILE A 235 -5.11 -4.90 0.35
C ILE A 235 -6.55 -4.46 0.52
N GLU A 236 -7.02 -3.58 -0.36
CA GLU A 236 -8.43 -3.22 -0.34
C GLU A 236 -9.25 -4.49 -0.55
N ALA A 237 -8.81 -5.33 -1.49
CA ALA A 237 -9.55 -6.57 -1.75
C ALA A 237 -9.62 -7.44 -0.49
N GLY A 238 -8.48 -7.60 0.17
CA GLY A 238 -8.42 -8.38 1.39
C GLY A 238 -9.28 -7.78 2.49
N THR A 239 -9.30 -6.45 2.56
CA THR A 239 -10.15 -5.76 3.53
C THR A 239 -11.63 -6.08 3.31
N TYR A 240 -12.09 -5.98 2.08
CA TYR A 240 -13.52 -6.29 1.83
C TYR A 240 -13.87 -7.78 1.98
N ILE A 241 -12.91 -8.66 1.69
CA ILE A 241 -13.10 -10.09 1.93
C ILE A 241 -13.25 -10.36 3.42
N SER A 242 -12.36 -9.79 4.22
CA SER A 242 -12.50 -9.86 5.67
C SER A 242 -13.86 -9.33 6.14
N LEU A 243 -14.25 -8.17 5.61
CA LEU A 243 -15.51 -7.56 5.99
C LEU A 243 -16.69 -8.45 5.58
N ALA A 244 -16.66 -8.96 4.36
CA ALA A 244 -17.74 -9.81 3.87
C ALA A 244 -17.87 -11.09 4.70
N ALA A 245 -16.73 -11.64 5.13
CA ALA A 245 -16.76 -12.84 5.95
C ALA A 245 -17.31 -12.54 7.35
N ALA A 246 -16.99 -11.36 7.90
CA ALA A 246 -17.39 -10.99 9.26
C ALA A 246 -18.87 -10.63 9.41
N VAL A 247 -19.43 -9.95 8.40
CA VAL A 247 -20.81 -9.44 8.52
C VAL A 247 -21.66 -9.55 7.25
N GLY A 248 -21.13 -10.18 6.21
CA GLY A 248 -21.88 -10.36 4.97
C GLY A 248 -22.73 -11.61 4.94
N LYS A 249 -23.78 -11.59 4.13
CA LYS A 249 -24.57 -12.79 3.86
C LYS A 249 -24.53 -13.11 2.38
N GLY A 250 -23.41 -12.74 1.75
CA GLY A 250 -23.24 -13.03 0.32
C GLY A 250 -22.84 -11.79 -0.44
N ILE A 251 -21.54 -11.66 -0.70
CA ILE A 251 -21.01 -10.45 -1.32
C ILE A 251 -20.02 -10.83 -2.41
N ARG A 252 -20.19 -10.27 -3.59
CA ARG A 252 -19.26 -10.51 -4.69
C ARG A 252 -18.25 -9.37 -4.73
N ILE A 253 -16.97 -9.71 -4.71
CA ILE A 253 -15.91 -8.70 -4.78
C ILE A 253 -15.30 -8.75 -6.17
N ASN A 254 -15.44 -7.66 -6.91
CA ASN A 254 -15.05 -7.60 -8.32
C ASN A 254 -13.70 -6.94 -8.47
N ASN A 255 -13.05 -7.21 -9.60
CA ASN A 255 -11.72 -6.69 -9.90
C ASN A 255 -10.69 -7.14 -8.86
N VAL A 256 -10.69 -8.43 -8.58
CA VAL A 256 -9.73 -9.04 -7.68
C VAL A 256 -8.83 -9.96 -8.48
N LEU A 257 -7.54 -9.98 -8.15
CA LEU A 257 -6.63 -10.98 -8.71
C LEU A 257 -6.24 -11.92 -7.58
N TYR A 258 -6.78 -13.14 -7.58
CA TYR A 258 -6.56 -14.03 -6.45
C TYR A 258 -5.10 -14.45 -6.36
N GLU A 259 -4.38 -14.36 -7.48
CA GLU A 259 -2.98 -14.75 -7.52
C GLU A 259 -2.12 -13.84 -6.62
N HIS A 260 -2.63 -12.65 -6.32
CA HIS A 260 -1.94 -11.70 -5.45
C HIS A 260 -2.34 -11.85 -3.98
N LEU A 261 -3.17 -12.84 -3.70
CA LEU A 261 -3.71 -13.03 -2.35
C LEU A 261 -3.51 -14.44 -1.83
N GLU A 262 -2.53 -15.16 -2.36
CA GLU A 262 -2.41 -16.57 -2.01
C GLU A 262 -2.22 -16.80 -0.51
N GLY A 263 -1.36 -16.00 0.12
CA GLY A 263 -1.07 -16.16 1.53
C GLY A 263 -2.27 -15.81 2.40
N PHE A 264 -3.03 -14.82 1.93
CA PHE A 264 -4.21 -14.34 2.64
C PHE A 264 -5.33 -15.39 2.53
N ILE A 265 -5.59 -15.82 1.31
CA ILE A 265 -6.63 -16.83 1.09
C ILE A 265 -6.33 -18.11 1.87
N ALA A 266 -5.06 -18.50 1.95
CA ALA A 266 -4.68 -19.71 2.67
C ALA A 266 -5.09 -19.64 4.14
N LYS A 267 -4.83 -18.49 4.76
CA LYS A 267 -5.15 -18.34 6.17
C LYS A 267 -6.66 -18.27 6.38
N LEU A 268 -7.37 -17.63 5.46
CA LEU A 268 -8.83 -17.59 5.59
C LEU A 268 -9.43 -18.98 5.46
N GLU A 269 -8.88 -19.80 4.58
CA GLU A 269 -9.38 -21.16 4.41
C GLU A 269 -9.07 -22.02 5.63
N GLU A 270 -7.92 -21.76 6.26
CA GLU A 270 -7.56 -22.44 7.49
C GLU A 270 -8.60 -22.15 8.58
N MET A 271 -9.15 -20.93 8.58
CA MET A 271 -10.16 -20.57 9.59
C MET A 271 -11.48 -21.23 9.33
N GLY A 272 -11.69 -21.68 8.09
CA GLY A 272 -12.98 -22.23 7.68
C GLY A 272 -13.81 -21.28 6.82
N VAL A 273 -13.19 -20.21 6.33
CA VAL A 273 -13.90 -19.27 5.47
C VAL A 273 -14.21 -19.92 4.11
N ARG A 274 -15.47 -19.82 3.69
CA ARG A 274 -15.89 -20.38 2.42
C ARG A 274 -16.07 -19.28 1.36
N MET A 275 -15.28 -19.36 0.30
CA MET A 275 -15.40 -18.39 -0.77
C MET A 275 -15.25 -19.08 -2.12
N THR A 276 -15.85 -18.47 -3.14
CA THR A 276 -15.87 -19.02 -4.47
C THR A 276 -14.98 -18.13 -5.31
N VAL A 277 -13.87 -18.68 -5.80
CA VAL A 277 -12.84 -17.85 -6.41
C VAL A 277 -12.82 -18.02 -7.91
N SER A 278 -12.93 -16.90 -8.64
CA SER A 278 -12.83 -16.89 -10.11
C SER A 278 -11.65 -16.02 -10.55
N GLU A 279 -11.40 -15.93 -11.85
N GLU A 279 -11.47 -15.92 -11.86
CA GLU A 279 -10.24 -15.16 -12.33
CA GLU A 279 -10.34 -15.19 -12.44
C GLU A 279 -10.41 -13.66 -12.16
C GLU A 279 -10.43 -13.68 -12.19
N ASP A 280 -11.63 -13.21 -11.89
CA ASP A 280 -11.90 -11.78 -11.85
C ASP A 280 -12.58 -11.34 -10.55
N SER A 281 -13.03 -12.31 -9.77
CA SER A 281 -13.86 -11.97 -8.63
C SER A 281 -13.89 -13.09 -7.60
N ILE A 282 -14.35 -12.75 -6.40
CA ILE A 282 -14.51 -13.74 -5.35
C ILE A 282 -15.88 -13.53 -4.74
N PHE A 283 -16.64 -14.61 -4.60
CA PHE A 283 -17.89 -14.53 -3.86
C PHE A 283 -17.67 -15.07 -2.45
N VAL A 284 -17.94 -14.22 -1.47
CA VAL A 284 -17.79 -14.60 -0.07
C VAL A 284 -19.17 -14.93 0.48
N GLU A 285 -19.34 -16.19 0.89
CA GLU A 285 -20.64 -16.68 1.38
C GLU A 285 -20.95 -16.10 2.73
N GLU A 286 -22.18 -16.31 3.18
CA GLU A 286 -22.50 -16.09 4.59
C GLU A 286 -21.71 -17.14 5.36
N GLN A 287 -20.97 -16.73 6.39
CA GLN A 287 -20.04 -17.64 7.07
C GLN A 287 -20.60 -18.22 8.35
N SER A 288 -20.07 -19.38 8.73
CA SER A 288 -20.35 -19.92 10.06
C SER A 288 -19.20 -20.81 10.50
N ASN A 289 -19.10 -21.03 11.81
CA ASN A 289 -18.17 -22.02 12.36
C ASN A 289 -16.73 -21.70 12.03
N LEU A 290 -16.36 -20.43 12.15
CA LEU A 290 -14.99 -20.03 11.88
C LEU A 290 -14.15 -20.33 13.11
N LYS A 291 -12.89 -20.68 12.92
CA LYS A 291 -12.07 -20.94 14.09
C LYS A 291 -10.82 -20.08 14.10
N ALA A 292 -10.34 -19.77 15.30
CA ALA A 292 -9.20 -18.88 15.47
C ALA A 292 -7.97 -19.46 14.81
N ILE A 293 -7.13 -18.57 14.27
CA ILE A 293 -5.85 -18.98 13.71
C ILE A 293 -4.80 -18.02 14.25
N ASN A 294 -3.53 -18.38 14.03
CA ASN A 294 -2.43 -17.47 14.33
C ASN A 294 -1.94 -16.86 13.04
N ILE A 295 -1.56 -15.59 13.10
CA ILE A 295 -1.05 -14.87 11.93
C ILE A 295 0.41 -14.52 12.18
N LYS A 296 1.25 -14.72 11.15
CA LYS A 296 2.63 -14.23 11.18
C LYS A 296 2.89 -13.54 9.85
N THR A 297 3.18 -12.24 9.88
CA THR A 297 3.37 -11.52 8.62
C THR A 297 4.72 -11.89 8.04
N ALA A 298 4.86 -11.70 6.74
CA ALA A 298 6.14 -11.96 6.10
C ALA A 298 6.14 -11.27 4.76
N PRO A 299 7.34 -11.07 4.18
CA PRO A 299 7.40 -10.45 2.85
C PRO A 299 6.59 -11.28 1.83
N TYR A 300 5.98 -10.62 0.85
CA TYR A 300 5.24 -11.31 -0.20
C TYR A 300 6.11 -12.42 -0.78
N PRO A 301 5.52 -13.61 -1.04
CA PRO A 301 4.09 -13.92 -1.03
C PRO A 301 3.56 -14.36 0.34
N GLY A 302 4.33 -14.15 1.40
CA GLY A 302 3.84 -14.41 2.74
C GLY A 302 2.68 -13.50 3.09
N PHE A 303 2.12 -13.66 4.28
CA PHE A 303 0.96 -12.89 4.68
C PHE A 303 1.32 -11.41 4.88
N ALA A 304 0.59 -10.52 4.21
CA ALA A 304 0.92 -9.08 4.16
C ALA A 304 0.76 -8.33 5.49
N THR A 305 1.78 -7.57 5.88
CA THR A 305 1.66 -6.75 7.08
C THR A 305 0.48 -5.78 6.95
N ASP A 306 0.24 -5.28 5.74
CA ASP A 306 -0.88 -4.36 5.50
C ASP A 306 -2.27 -5.02 5.65
N LEU A 307 -2.30 -6.34 5.80
CA LEU A 307 -3.59 -7.03 5.95
C LEU A 307 -3.87 -7.56 7.37
N GLN A 308 -2.87 -7.52 8.26
CA GLN A 308 -3.10 -8.11 9.59
C GLN A 308 -4.17 -7.35 10.38
N GLN A 309 -4.21 -6.03 10.23
CA GLN A 309 -5.20 -5.22 10.95
C GLN A 309 -6.64 -5.40 10.40
N PRO A 310 -6.80 -5.28 9.08
CA PRO A 310 -8.13 -5.49 8.46
C PRO A 310 -8.66 -6.89 8.74
N LEU A 311 -7.77 -7.86 8.92
CA LEU A 311 -8.22 -9.24 9.19
C LEU A 311 -8.66 -9.44 10.64
N THR A 312 -8.13 -8.62 11.52
CA THR A 312 -8.30 -8.86 12.96
C THR A 312 -9.77 -8.93 13.41
N PRO A 313 -10.63 -8.00 12.93
CA PRO A 313 -12.02 -8.10 13.38
C PRO A 313 -12.68 -9.42 12.93
N LEU A 314 -12.25 -10.00 11.81
CA LEU A 314 -12.78 -11.31 11.41
C LEU A 314 -12.26 -12.35 12.39
N LEU A 315 -11.00 -12.23 12.78
CA LEU A 315 -10.47 -13.14 13.80
C LEU A 315 -11.32 -13.05 15.06
N LEU A 316 -11.79 -11.85 15.39
CA LEU A 316 -12.60 -11.64 16.60
C LEU A 316 -13.99 -12.29 16.49
N ARG A 317 -14.37 -12.65 15.27
CA ARG A 317 -15.61 -13.38 15.04
C ARG A 317 -15.47 -14.86 15.34
N ALA A 318 -14.25 -15.36 15.19
CA ALA A 318 -14.00 -16.80 15.23
C ALA A 318 -14.05 -17.36 16.64
N ASN A 319 -14.16 -18.67 16.74
CA ASN A 319 -14.14 -19.34 18.03
C ASN A 319 -12.73 -19.78 18.37
N GLY A 320 -12.25 -19.42 19.55
CA GLY A 320 -10.94 -19.84 19.99
C GLY A 320 -10.04 -18.65 20.26
N ARG A 321 -8.78 -18.94 20.58
CA ARG A 321 -7.78 -17.91 20.86
C ARG A 321 -6.70 -17.96 19.78
N GLY A 322 -6.06 -16.83 19.52
CA GLY A 322 -4.95 -16.81 18.58
C GLY A 322 -3.98 -15.69 18.90
N THR A 323 -2.94 -15.58 18.09
CA THR A 323 -1.96 -14.53 18.26
C THR A 323 -1.63 -13.95 16.89
N ILE A 324 -1.31 -12.67 16.84
CA ILE A 324 -0.82 -12.06 15.61
C ILE A 324 0.59 -11.56 15.88
N VAL A 325 1.52 -11.95 15.02
CA VAL A 325 2.88 -11.46 15.15
C VAL A 325 3.24 -10.77 13.85
N ASP A 326 3.61 -9.50 13.93
CA ASP A 326 3.97 -8.77 12.72
C ASP A 326 5.49 -8.64 12.70
N THR A 327 6.12 -9.41 11.82
CA THR A 327 7.57 -9.50 11.75
C THR A 327 8.16 -8.33 10.95
N ILE A 328 7.29 -7.61 10.25
CA ILE A 328 7.71 -6.50 9.41
C ILE A 328 7.66 -5.20 10.21
N TYR A 329 6.52 -4.97 10.84
CA TYR A 329 6.33 -3.82 11.70
C TYR A 329 5.90 -4.30 13.08
N GLU A 330 6.88 -4.53 13.93
CA GLU A 330 6.64 -5.20 15.21
C GLU A 330 5.64 -4.44 16.09
N LYS A 331 5.69 -3.12 16.02
CA LYS A 331 4.85 -2.28 16.87
C LYS A 331 3.58 -1.81 16.14
N ARG A 332 3.15 -2.56 15.13
CA ARG A 332 1.93 -2.19 14.41
C ARG A 332 0.72 -2.71 15.19
N VAL A 333 0.38 -2.04 16.28
CA VAL A 333 -0.56 -2.57 17.28
C VAL A 333 -1.54 -1.53 17.78
N ASN A 334 -1.57 -0.35 17.15
CA ASN A 334 -2.34 0.77 17.71
C ASN A 334 -3.84 0.64 17.59
N HIS A 335 -4.29 -0.34 16.81
CA HIS A 335 -5.72 -0.66 16.73
C HIS A 335 -6.20 -1.41 17.97
N VAL A 336 -5.27 -2.02 18.69
CA VAL A 336 -5.63 -2.86 19.84
C VAL A 336 -6.32 -2.06 20.96
N PHE A 337 -5.73 -0.93 21.34
CA PHE A 337 -6.32 -0.09 22.39
C PHE A 337 -7.72 0.38 22.01
N GLU A 338 -7.91 0.65 20.73
CA GLU A 338 -9.21 1.14 20.25
C GLU A 338 -10.25 0.02 20.17
N LEU A 339 -9.85 -1.12 19.65
CA LEU A 339 -10.75 -2.28 19.64
C LEU A 339 -11.15 -2.68 21.05
N ALA A 340 -10.25 -2.53 22.01
CA ALA A 340 -10.56 -2.86 23.40
C ALA A 340 -11.74 -2.02 23.93
N LYS A 341 -11.84 -0.77 23.47
CA LYS A 341 -12.92 0.12 23.90
C LYS A 341 -14.27 -0.39 23.43
N MET A 342 -14.25 -1.18 22.36
CA MET A 342 -15.48 -1.75 21.81
C MET A 342 -15.75 -3.09 22.46
N ASP A 343 -15.04 -3.35 23.56
CA ASP A 343 -15.23 -4.55 24.39
C ASP A 343 -14.68 -5.83 23.76
N ALA A 344 -13.71 -5.69 22.85
CA ALA A 344 -13.06 -6.88 22.27
C ALA A 344 -12.10 -7.53 23.26
N ASP A 345 -11.96 -8.85 23.18
CA ASP A 345 -10.96 -9.53 24.00
C ASP A 345 -9.65 -9.54 23.23
N ILE A 346 -8.92 -8.43 23.32
CA ILE A 346 -7.68 -8.28 22.56
C ILE A 346 -6.69 -7.50 23.41
N SER A 347 -5.42 -7.82 23.28
CA SER A 347 -4.38 -7.15 24.05
C SER A 347 -3.08 -7.30 23.29
N THR A 348 -2.08 -6.52 23.69
CA THR A 348 -0.78 -6.64 23.12
C THR A 348 0.33 -6.53 24.19
N THR A 349 1.26 -7.45 24.12
CA THR A 349 2.46 -7.40 24.92
C THR A 349 3.50 -7.67 23.91
N ASN A 350 4.41 -6.72 23.77
CA ASN A 350 5.12 -6.61 22.56
C ASN A 350 4.36 -5.78 21.48
N GLY A 351 4.55 -6.09 20.20
CA GLY A 351 5.05 -7.38 19.81
C GLY A 351 3.81 -8.23 19.60
N HIS A 352 3.58 -9.19 20.43
CA HIS A 352 2.49 -10.04 20.12
C HIS A 352 1.14 -9.38 20.35
N ILE A 353 0.19 -9.74 19.55
CA ILE A 353 -1.21 -9.37 19.74
C ILE A 353 -1.97 -10.66 20.04
N LEU A 354 -2.61 -10.71 21.22
CA LEU A 354 -3.39 -11.87 21.62
C LEU A 354 -4.87 -11.52 21.49
N TYR A 355 -5.67 -12.47 21.02
CA TYR A 355 -7.11 -12.25 20.96
C TYR A 355 -7.83 -13.53 21.38
N THR A 356 -9.08 -13.38 21.84
CA THR A 356 -9.99 -14.49 22.00
C THR A 356 -11.25 -14.05 21.27
N GLY A 357 -11.69 -14.84 20.30
CA GLY A 357 -12.83 -14.43 19.49
C GLY A 357 -14.16 -14.83 20.10
N GLY A 358 -15.26 -14.44 19.47
CA GLY A 358 -16.55 -14.99 19.84
C GLY A 358 -17.44 -14.06 20.65
N ARG A 359 -16.89 -12.93 21.07
CA ARG A 359 -17.64 -11.99 21.90
C ARG A 359 -18.33 -10.92 21.05
N ASP A 360 -19.53 -10.51 21.44
CA ASP A 360 -20.18 -9.40 20.75
C ASP A 360 -19.44 -8.11 21.05
N LEU A 361 -19.16 -7.34 20.00
CA LEU A 361 -18.53 -6.03 20.18
C LEU A 361 -19.62 -5.01 20.42
N ARG A 362 -19.25 -3.86 20.97
CA ARG A 362 -20.23 -2.84 21.32
C ARG A 362 -19.70 -1.51 20.83
N GLY A 363 -20.52 -0.78 20.09
CA GLY A 363 -20.07 0.45 19.46
C GLY A 363 -19.79 1.57 20.45
N THR A 364 -18.74 2.33 20.17
CA THR A 364 -18.44 3.52 20.94
C THR A 364 -17.62 4.45 20.07
N SER A 365 -17.13 5.55 20.63
CA SER A 365 -16.22 6.43 19.88
C SER A 365 -14.80 5.89 19.90
N VAL A 366 -14.23 5.70 18.71
CA VAL A 366 -12.88 5.16 18.57
C VAL A 366 -12.10 6.04 17.61
N LYS A 367 -10.78 6.01 17.70
CA LYS A 367 -9.99 6.84 16.82
C LYS A 367 -9.07 6.02 15.92
N ALA A 368 -9.17 6.28 14.62
CA ALA A 368 -8.21 5.69 13.69
C ALA A 368 -6.84 6.27 13.98
N THR A 369 -5.83 5.41 14.00
CA THR A 369 -4.48 5.81 14.36
C THR A 369 -3.58 5.71 13.16
N ASP A 370 -4.04 4.96 12.17
CA ASP A 370 -3.32 4.80 10.93
C ASP A 370 -4.27 4.18 9.90
N LEU A 371 -3.79 4.05 8.66
CA LEU A 371 -4.62 3.57 7.56
C LEU A 371 -5.32 2.24 7.79
N ARG A 372 -4.54 1.20 8.08
CA ARG A 372 -5.12 -0.13 8.16
C ARG A 372 -5.81 -0.36 9.51
N ALA A 373 -5.35 0.33 10.56
CA ALA A 373 -6.07 0.30 11.84
C ALA A 373 -7.46 0.92 11.65
N GLY A 374 -7.54 1.99 10.87
CA GLY A 374 -8.81 2.62 10.55
C GLY A 374 -9.75 1.65 9.88
N ALA A 375 -9.22 0.85 8.95
CA ALA A 375 -10.03 -0.15 8.24
C ALA A 375 -10.57 -1.18 9.22
N ALA A 376 -9.71 -1.61 10.14
CA ALA A 376 -10.11 -2.52 11.20
C ALA A 376 -11.30 -1.98 12.00
N LEU A 377 -11.23 -0.71 12.37
CA LEU A 377 -12.32 -0.08 13.13
C LEU A 377 -13.60 0.03 12.32
N VAL A 378 -13.48 0.23 11.01
CA VAL A 378 -14.67 0.24 10.15
C VAL A 378 -15.32 -1.13 10.18
N ILE A 379 -14.53 -2.19 9.98
CA ILE A 379 -15.12 -3.53 10.01
C ILE A 379 -15.68 -3.86 11.39
N ALA A 380 -14.94 -3.52 12.43
CA ALA A 380 -15.43 -3.75 13.80
C ALA A 380 -16.71 -2.98 14.06
N GLY A 381 -16.79 -1.77 13.53
CA GLY A 381 -17.97 -0.94 13.70
C GLY A 381 -19.18 -1.60 13.06
N LEU A 382 -18.98 -2.21 11.89
CA LEU A 382 -20.08 -2.90 11.21
C LEU A 382 -20.53 -4.15 11.95
N MET A 383 -19.61 -4.81 12.65
CA MET A 383 -19.94 -6.02 13.44
C MET A 383 -20.60 -5.65 14.75
N ALA A 384 -20.21 -4.50 15.28
CA ALA A 384 -20.57 -4.13 16.67
C ALA A 384 -22.05 -3.78 16.84
N GLU A 385 -22.61 -4.14 18.00
CA GLU A 385 -23.99 -3.79 18.29
C GLU A 385 -23.98 -2.31 18.65
N GLY A 386 -25.07 -1.60 18.37
CA GLY A 386 -25.14 -0.19 18.72
C GLY A 386 -24.47 0.72 17.69
N LYS A 387 -23.96 1.86 18.15
CA LYS A 387 -23.40 2.86 17.25
C LYS A 387 -21.92 3.08 17.48
N THR A 388 -21.13 3.01 16.41
CA THR A 388 -19.70 3.29 16.46
C THR A 388 -19.39 4.62 15.77
N GLU A 389 -18.54 5.43 16.40
CA GLU A 389 -18.08 6.67 15.77
C GLU A 389 -16.56 6.63 15.63
N ILE A 390 -16.08 6.86 14.41
CA ILE A 390 -14.65 6.84 14.15
C ILE A 390 -14.15 8.23 13.84
N THR A 391 -13.15 8.69 14.58
CA THR A 391 -12.54 10.00 14.36
C THR A 391 -11.17 9.84 13.69
N ASN A 392 -10.55 10.95 13.29
CA ASN A 392 -9.31 10.91 12.53
C ASN A 392 -9.46 10.07 11.26
N ILE A 393 -10.60 10.23 10.60
CA ILE A 393 -10.92 9.39 9.46
C ILE A 393 -10.00 9.69 8.28
N GLU A 394 -9.23 10.77 8.36
CA GLU A 394 -8.28 11.11 7.30
C GLU A 394 -7.31 9.96 7.02
N PHE A 395 -7.00 9.20 8.07
CA PHE A 395 -6.13 8.03 7.90
C PHE A 395 -6.74 6.99 6.96
N ILE A 396 -8.05 6.78 7.07
CA ILE A 396 -8.74 5.83 6.22
C ILE A 396 -8.78 6.34 4.78
N LEU A 397 -9.07 7.62 4.63
CA LEU A 397 -9.25 8.20 3.32
C LEU A 397 -7.94 8.20 2.52
N ARG A 398 -6.81 7.95 3.21
CA ARG A 398 -5.51 7.85 2.54
C ARG A 398 -5.48 6.69 1.56
N GLY A 399 -6.24 5.64 1.85
CA GLY A 399 -6.04 4.42 1.08
C GLY A 399 -7.26 3.66 0.65
N TYR A 400 -8.46 4.11 1.03
CA TYR A 400 -9.69 3.42 0.62
C TYR A 400 -10.56 4.35 -0.20
N SER A 401 -10.64 4.06 -1.50
CA SER A 401 -11.38 4.88 -2.43
C SER A 401 -12.89 4.67 -2.24
N ASP A 402 -13.66 5.74 -2.24
CA ASP A 402 -15.13 5.65 -2.20
C ASP A 402 -15.67 4.71 -1.12
N ILE A 403 -15.04 4.68 0.04
CA ILE A 403 -15.40 3.68 1.04
C ILE A 403 -16.83 3.81 1.56
N ILE A 404 -17.29 5.05 1.76
CA ILE A 404 -18.64 5.24 2.27
C ILE A 404 -19.64 4.73 1.24
N GLU A 405 -19.44 5.09 -0.01
CA GLU A 405 -20.36 4.68 -1.08
C GLU A 405 -20.33 3.18 -1.29
N LYS A 406 -19.12 2.60 -1.29
CA LYS A 406 -18.98 1.17 -1.47
C LYS A 406 -19.75 0.41 -0.38
N LEU A 407 -19.61 0.86 0.87
CA LEU A 407 -20.24 0.17 2.00
C LEU A 407 -21.74 0.37 2.05
N ARG A 408 -22.21 1.57 1.71
CA ARG A 408 -23.66 1.82 1.69
C ARG A 408 -24.33 0.94 0.63
N ASN A 409 -23.63 0.71 -0.48
CA ASN A 409 -24.13 -0.15 -1.56
C ASN A 409 -24.28 -1.60 -1.11
N LEU A 410 -23.59 -1.96 -0.03
CA LEU A 410 -23.72 -3.30 0.55
C LEU A 410 -24.78 -3.28 1.64
N GLY A 411 -25.43 -2.13 1.81
CA GLY A 411 -26.51 -2.00 2.78
C GLY A 411 -26.04 -1.61 4.16
N ALA A 412 -24.81 -1.15 4.28
CA ALA A 412 -24.31 -0.72 5.57
C ALA A 412 -24.95 0.59 5.99
N ASP A 413 -25.26 0.72 7.29
CA ASP A 413 -25.74 1.98 7.82
C ASP A 413 -24.52 2.79 8.25
N ILE A 414 -23.90 3.45 7.28
CA ILE A 414 -22.67 4.18 7.55
C ILE A 414 -22.82 5.57 6.99
N ARG A 415 -22.26 6.55 7.68
CA ARG A 415 -22.44 7.94 7.25
C ARG A 415 -21.20 8.77 7.52
N LEU A 416 -20.95 9.72 6.63
CA LEU A 416 -19.90 10.70 6.84
C LEU A 416 -20.53 11.92 7.48
N VAL A 417 -20.03 12.33 8.64
CA VAL A 417 -20.58 13.47 9.35
C VAL A 417 -19.54 14.56 9.59
N GLU A 418 -19.95 15.82 9.47
CA GLU A 418 -19.10 16.97 9.82
C GLU A 418 -19.92 18.14 10.35
#